data_4Z2I
#
_entry.id   4Z2I
#
_cell.length_a   97.770
_cell.length_b   97.770
_cell.length_c   196.110
_cell.angle_alpha   90.00
_cell.angle_beta   90.00
_cell.angle_gamma   90.00
#
_symmetry.space_group_name_H-M   'P 43 21 2'
#
loop_
_entity.id
_entity.type
_entity.pdbx_description
1 polymer 'Chitinase B'
2 non-polymer "(1R,2R,3R,6R,7S,8S,9R,10R,12R,13S,17S)-3-ethyl-2,10-dihydroxy-2,6,8,10,12,15,15,17-octamethyl-5-oxo-9-(prop-2-yn-1-yloxy)-4,14,16-trioxabicyclo[11.3.1]heptadec-7-yl {3-[N'-(methylcarbamoyl)carbamimidamido]propyl}carbamate"
3 non-polymer 'SODIUM ION'
4 non-polymer GLYCEROL
5 non-polymer 'PHOSPHITE ION'
6 non-polymer METHANOL
7 water water
#
_entity_poly.entity_id   1
_entity_poly.type   'polypeptide(L)'
_entity_poly.pdbx_seq_one_letter_code
;DPSSRSTRKAVIGYYFIPTNQINNYTETDTSVVPFPVSNITPAKAKQLTHINFSFLDINSNLECAWDPATNDAKARDVVN
RLTALKAHNPSLRIMFSIGGWYYSNDLGVSHANYVNAVKTPAARTKFAQSCVRIMKDYGFDGVDIDWEYPQAAEVDGFIA
ALQEIRTLLNQQTIADGRQALPYQLTIAGAGGAFFLSRYYSKLAQIVAPLDYINLMTYDLAGPWEKITNHQAALFGDAAG
PTFYNALREANLGWSWEELTRAFPSPFSLTVDAAVQQHLMMEGVPSAKIVMGVPFYGRAFKGVSGGNGGQYSSHSTPGED
PYPNADYWLVGCDECVRDKDPRIASYRQLEQMLQGNYGYQRLWNDKTKTPYLYHAQNGLFVTYDDAESFKYKAKYIKQQQ
LGGVMFWHLGQDNRNGDLLAALDRYFNAADYDDSQLDMGTGLRYTGVGPGNLPIMTAPAYVPGTTYAQGALVSYQGYVWQ
TKWGYITSAPGSDSAWLKVGRLA
;
_entity_poly.pdbx_strand_id   A
#
loop_
_chem_comp.id
_chem_comp.type
_chem_comp.name
_chem_comp.formula
GOL non-polymer GLYCEROL 'C3 H8 O3'
M6B non-polymer '(1R,2R,3R,6R,7S,8S,9R,10R,12R,13S,17S)-3-ethyl-2,10-dihydroxy-2,6,8,10,12,15,15,17-octamethyl-5-oxo-9-(prop-2-yn-1-yloxy)-4,14,16-trioxabicyclo[11.3.1]heptadec-7-yl {3-[N'-(methylcarbamoyl)carbamimidamido]propyl}carbamate' 'C34 H59 N5 O10'
MOH non-polymer METHANOL 'C H4 O'
NA non-polymer 'SODIUM ION' 'Na 1'
PO3 non-polymer 'PHOSPHITE ION' 'O3 P -3'
#
# COMPACT_ATOMS: atom_id res chain seq x y z
N SER A 6 20.79 3.27 -8.76
CA SER A 6 20.63 4.18 -9.93
C SER A 6 19.27 4.02 -10.63
N THR A 7 18.50 2.98 -10.34
CA THR A 7 17.17 2.87 -10.97
C THR A 7 16.13 3.78 -10.21
N ARG A 8 15.53 4.70 -10.96
CA ARG A 8 14.62 5.67 -10.39
C ARG A 8 13.49 5.00 -9.53
N LYS A 9 13.21 5.52 -8.34
CA LYS A 9 12.05 5.04 -7.56
C LYS A 9 10.72 5.44 -8.24
N ALA A 10 9.78 4.50 -8.32
CA ALA A 10 8.43 4.80 -8.72
C ALA A 10 7.78 5.79 -7.69
N VAL A 11 7.01 6.73 -8.24
CA VAL A 11 6.20 7.66 -7.46
C VAL A 11 4.83 7.62 -8.12
N ILE A 12 3.93 6.87 -7.47
CA ILE A 12 2.66 6.47 -8.10
C ILE A 12 1.52 7.14 -7.34
N GLY A 13 0.84 8.06 -8.01
CA GLY A 13 -0.23 8.79 -7.37
C GLY A 13 -1.56 8.51 -7.98
N TYR A 14 -2.55 8.22 -7.15
CA TYR A 14 -3.90 8.01 -7.60
C TYR A 14 -4.55 9.33 -7.99
N TYR A 15 -5.24 9.34 -9.13
CA TYR A 15 -6.08 10.49 -9.50
C TYR A 15 -7.49 9.96 -9.54
N PHE A 16 -8.31 10.41 -8.59
CA PHE A 16 -9.68 9.95 -8.51
C PHE A 16 -10.66 11.05 -8.95
N ILE A 17 -11.66 10.71 -9.76
CA ILE A 17 -12.70 11.69 -10.10
C ILE A 17 -14.03 10.98 -10.17
N PRO A 18 -15.03 11.45 -9.42
CA PRO A 18 -16.33 10.71 -9.50
C PRO A 18 -17.15 10.94 -10.78
N THR A 19 -18.00 9.97 -11.11
CA THR A 19 -18.75 10.00 -12.37
C THR A 19 -19.44 11.37 -12.61
N ASN A 20 -20.04 11.94 -11.57
CA ASN A 20 -20.79 13.22 -11.71
C ASN A 20 -19.85 14.35 -12.06
N GLN A 21 -18.62 14.29 -11.56
CA GLN A 21 -17.61 15.27 -11.92
C GLN A 21 -17.06 15.08 -13.33
N ILE A 22 -16.93 13.84 -13.81
CA ILE A 22 -16.58 13.61 -15.21
C ILE A 22 -17.72 14.21 -16.08
N ASN A 23 -18.95 13.86 -15.75
CA ASN A 23 -20.10 14.19 -16.60
C ASN A 23 -20.31 15.71 -16.69
N ASN A 24 -19.74 16.46 -15.74
CA ASN A 24 -19.83 17.92 -15.68
C ASN A 24 -18.47 18.55 -15.66
N TYR A 25 -17.50 17.90 -16.32
CA TYR A 25 -16.11 18.25 -16.11
C TYR A 25 -15.94 19.72 -16.47
N THR A 26 -15.22 20.44 -15.64
CA THR A 26 -14.72 21.76 -16.02
C THR A 26 -13.43 22.04 -15.24
N GLU A 27 -12.51 22.76 -15.85
CA GLU A 27 -11.30 23.24 -15.15
C GLU A 27 -11.39 24.63 -14.54
N THR A 28 -12.58 25.23 -14.55
CA THR A 28 -12.71 26.61 -14.10
C THR A 28 -13.82 26.75 -13.09
N ASP A 29 -14.16 25.68 -12.39
CA ASP A 29 -15.16 25.80 -11.31
C ASP A 29 -15.00 24.74 -10.21
N THR A 30 -14.28 25.14 -9.19
CA THR A 30 -13.95 24.31 -8.06
C THR A 30 -15.12 23.72 -7.29
N SER A 31 -16.28 24.38 -7.35
CA SER A 31 -17.47 23.86 -6.69
C SER A 31 -17.99 22.64 -7.43
N VAL A 32 -17.67 22.51 -8.73
CA VAL A 32 -18.11 21.32 -9.52
C VAL A 32 -17.01 20.25 -9.56
N VAL A 33 -15.82 20.66 -10.01
CA VAL A 33 -14.65 19.80 -9.95
C VAL A 33 -13.53 20.51 -9.18
N PRO A 34 -13.31 20.11 -7.92
CA PRO A 34 -12.28 20.74 -7.11
C PRO A 34 -10.88 20.41 -7.53
N PHE A 35 -10.65 19.27 -8.20
CA PHE A 35 -9.27 18.88 -8.56
C PHE A 35 -9.18 18.41 -10.01
N PRO A 36 -9.27 19.41 -10.93
CA PRO A 36 -9.22 19.10 -12.33
C PRO A 36 -7.82 18.76 -12.75
N VAL A 37 -7.72 18.13 -13.92
CA VAL A 37 -6.42 17.68 -14.40
C VAL A 37 -5.39 18.80 -14.49
N SER A 38 -5.83 20.04 -14.71
CA SER A 38 -4.86 21.14 -14.88
C SER A 38 -4.21 21.51 -13.58
N ASN A 39 -4.71 21.05 -12.44
CA ASN A 39 -3.93 21.22 -11.21
C ASN A 39 -2.68 20.34 -11.18
N ILE A 40 -2.59 19.38 -12.09
CA ILE A 40 -1.35 18.65 -12.23
C ILE A 40 -0.50 19.37 -13.24
N THR A 41 0.34 20.25 -12.71
CA THR A 41 1.16 21.11 -13.53
C THR A 41 2.33 20.35 -14.09
N PRO A 42 3.08 20.99 -15.02
CA PRO A 42 4.25 20.31 -15.55
C PRO A 42 5.26 19.90 -14.47
N ALA A 43 5.46 20.70 -13.42
CA ALA A 43 6.41 20.35 -12.37
C ALA A 43 5.94 19.10 -11.57
N LYS A 44 4.63 18.99 -11.32
CA LYS A 44 4.06 17.81 -10.66
C LYS A 44 4.15 16.59 -11.56
N ALA A 45 3.91 16.78 -12.86
CA ALA A 45 4.01 15.70 -13.84
C ALA A 45 5.40 15.06 -13.88
N LYS A 46 6.41 15.87 -13.68
CA LYS A 46 7.78 15.44 -13.71
C LYS A 46 8.14 14.71 -12.48
N GLN A 47 7.44 14.97 -11.37
CA GLN A 47 7.75 14.35 -10.12
C GLN A 47 7.06 12.97 -9.94
N LEU A 48 6.06 12.71 -10.76
CA LEU A 48 5.36 11.42 -10.82
C LEU A 48 5.98 10.45 -11.82
N THR A 49 5.93 9.12 -11.54
CA THR A 49 6.23 8.14 -12.59
C THR A 49 4.96 7.53 -13.13
N HIS A 50 3.93 7.51 -12.29
CA HIS A 50 2.66 6.92 -12.60
C HIS A 50 1.55 7.76 -12.01
N ILE A 51 0.48 7.91 -12.80
CA ILE A 51 -0.76 8.35 -12.26
C ILE A 51 -1.74 7.20 -12.42
N ASN A 52 -2.43 6.84 -11.34
CA ASN A 52 -3.46 5.80 -11.49
C ASN A 52 -4.82 6.48 -11.56
N PHE A 53 -5.37 6.59 -12.77
CA PHE A 53 -6.73 7.04 -12.93
C PHE A 53 -7.71 6.05 -12.36
N SER A 54 -8.65 6.55 -11.56
CA SER A 54 -9.56 5.70 -10.78
C SER A 54 -10.99 6.29 -10.67
N PHE A 55 -12.04 5.45 -10.61
CA PHE A 55 -12.00 3.99 -10.64
C PHE A 55 -12.86 3.50 -11.78
N LEU A 56 -12.42 2.48 -12.51
CA LEU A 56 -13.30 1.69 -13.32
C LEU A 56 -13.82 0.50 -12.51
N ASP A 57 -14.63 -0.36 -13.12
CA ASP A 57 -15.31 -1.42 -12.39
C ASP A 57 -15.36 -2.64 -13.24
N ILE A 58 -15.92 -3.71 -12.71
CA ILE A 58 -16.27 -4.87 -13.50
C ILE A 58 -17.79 -4.97 -13.43
N ASN A 59 -18.46 -5.04 -14.57
CA ASN A 59 -19.91 -5.04 -14.65
C ASN A 59 -20.45 -6.44 -14.66
N SER A 60 -21.76 -6.60 -14.84
CA SER A 60 -22.40 -7.90 -14.66
C SER A 60 -22.17 -8.79 -15.85
N ASN A 61 -21.75 -8.20 -16.97
CA ASN A 61 -21.17 -8.96 -18.08
C ASN A 61 -19.72 -9.43 -17.87
N LEU A 62 -19.18 -9.17 -16.67
CA LEU A 62 -17.88 -9.67 -16.22
C LEU A 62 -16.76 -9.16 -17.10
N GLU A 63 -16.92 -7.89 -17.49
CA GLU A 63 -15.90 -7.14 -18.19
C GLU A 63 -15.54 -5.90 -17.45
N CYS A 64 -14.31 -5.47 -17.65
CA CYS A 64 -13.89 -4.15 -17.22
C CYS A 64 -14.73 -3.06 -17.87
N ALA A 65 -15.26 -2.13 -17.09
CA ALA A 65 -16.17 -1.13 -17.65
C ALA A 65 -16.17 0.13 -16.84
N TRP A 66 -16.46 1.24 -17.51
CA TRP A 66 -16.73 2.53 -16.84
C TRP A 66 -18.08 2.41 -16.15
N ASP A 67 -18.29 3.15 -15.07
CA ASP A 67 -19.63 3.29 -14.45
C ASP A 67 -20.63 3.57 -15.61
N PRO A 68 -21.75 2.83 -15.67
CA PRO A 68 -22.61 2.99 -16.86
C PRO A 68 -23.28 4.37 -16.97
N ALA A 69 -23.25 5.15 -15.90
CA ALA A 69 -23.76 6.50 -15.96
C ALA A 69 -22.72 7.45 -16.56
N THR A 70 -21.59 6.92 -17.03
CA THR A 70 -20.51 7.86 -17.43
C THR A 70 -20.84 8.40 -18.81
N ASN A 71 -20.63 9.69 -19.00
CA ASN A 71 -20.67 10.27 -20.35
C ASN A 71 -19.35 9.97 -21.05
N ASP A 72 -19.38 9.14 -22.08
CA ASP A 72 -18.17 8.64 -22.69
C ASP A 72 -17.31 9.71 -23.31
N ALA A 73 -17.91 10.66 -24.01
CA ALA A 73 -17.15 11.76 -24.60
C ALA A 73 -16.43 12.57 -23.53
N LYS A 74 -17.07 12.76 -22.39
CA LYS A 74 -16.43 13.59 -21.35
C LYS A 74 -15.31 12.77 -20.63
N ALA A 75 -15.53 11.47 -20.49
CA ALA A 75 -14.49 10.58 -19.97
C ALA A 75 -13.23 10.59 -20.83
N ARG A 76 -13.40 10.46 -22.16
CA ARG A 76 -12.29 10.48 -23.09
C ARG A 76 -11.57 11.80 -22.95
N ASP A 77 -12.34 12.85 -22.76
CA ASP A 77 -11.70 14.16 -22.68
C ASP A 77 -10.79 14.27 -21.45
N VAL A 78 -11.27 13.74 -20.32
CA VAL A 78 -10.54 13.80 -19.06
C VAL A 78 -9.28 12.95 -19.17
N VAL A 79 -9.44 11.75 -19.73
CA VAL A 79 -8.30 10.88 -19.87
C VAL A 79 -7.29 11.50 -20.83
N ASN A 80 -7.78 12.12 -21.91
CA ASN A 80 -6.84 12.78 -22.85
C ASN A 80 -6.03 13.88 -22.22
N ARG A 81 -6.61 14.59 -21.26
CA ARG A 81 -5.86 15.64 -20.57
C ARG A 81 -4.73 15.07 -19.68
N LEU A 82 -4.99 13.89 -19.11
CA LEU A 82 -3.96 13.20 -18.33
C LEU A 82 -2.85 12.75 -19.24
N THR A 83 -3.20 12.04 -20.30
CA THR A 83 -2.16 11.52 -21.18
C THR A 83 -1.35 12.64 -21.85
N ALA A 84 -1.95 13.81 -22.06
CA ALA A 84 -1.21 14.97 -22.58
C ALA A 84 -0.09 15.36 -21.66
N LEU A 85 -0.18 14.98 -20.39
CA LEU A 85 0.91 15.32 -19.45
C LEU A 85 2.20 14.61 -19.78
N LYS A 86 2.11 13.53 -20.55
CA LYS A 86 3.30 12.79 -20.91
C LYS A 86 4.27 13.57 -21.78
N ALA A 87 3.76 14.64 -22.39
CA ALA A 87 4.60 15.63 -23.07
C ALA A 87 5.68 16.22 -22.15
N HIS A 88 5.42 16.29 -20.85
CA HIS A 88 6.37 16.88 -19.89
C HIS A 88 7.31 15.88 -19.23
N ASN A 89 7.09 14.58 -19.46
CA ASN A 89 7.80 13.55 -18.73
C ASN A 89 7.68 12.21 -19.45
N PRO A 90 8.73 11.85 -20.19
CA PRO A 90 8.67 10.66 -21.05
C PRO A 90 8.71 9.35 -20.25
N SER A 91 9.00 9.40 -18.95
CA SER A 91 8.81 8.25 -18.09
C SER A 91 7.40 8.06 -17.55
N LEU A 92 6.50 9.02 -17.77
CA LEU A 92 5.24 9.06 -17.06
C LEU A 92 4.24 8.11 -17.68
N ARG A 93 3.57 7.32 -16.84
CA ARG A 93 2.47 6.48 -17.31
C ARG A 93 1.16 6.92 -16.68
N ILE A 94 0.07 6.90 -17.46
CA ILE A 94 -1.28 7.09 -16.93
C ILE A 94 -1.89 5.70 -16.90
N MET A 95 -1.86 5.08 -15.73
CA MET A 95 -2.54 3.79 -15.54
C MET A 95 -4.04 4.02 -15.36
N PHE A 96 -4.83 2.96 -15.46
CA PHE A 96 -6.17 3.01 -14.89
C PHE A 96 -6.40 1.92 -13.90
N SER A 97 -7.20 2.23 -12.89
CA SER A 97 -7.43 1.33 -11.77
C SER A 97 -8.85 0.77 -11.76
N ILE A 98 -8.97 -0.54 -11.61
CA ILE A 98 -10.24 -1.27 -11.56
C ILE A 98 -10.51 -1.69 -10.12
N GLY A 99 -11.62 -1.23 -9.58
CA GLY A 99 -12.07 -1.66 -8.29
C GLY A 99 -12.19 -0.51 -7.32
N GLY A 100 -11.39 -0.56 -6.27
CA GLY A 100 -11.54 0.34 -5.12
C GLY A 100 -12.41 -0.32 -4.06
N TRP A 101 -12.35 0.21 -2.86
CA TRP A 101 -13.15 -0.33 -1.75
C TRP A 101 -14.65 -0.38 -2.07
N TYR A 102 -15.18 0.73 -2.55
CA TYR A 102 -16.65 0.85 -2.76
C TYR A 102 -17.18 -0.22 -3.70
N TYR A 103 -16.52 -0.42 -4.84
CA TYR A 103 -16.97 -1.46 -5.74
C TYR A 103 -16.71 -2.88 -5.28
N SER A 104 -15.54 -3.12 -4.65
CA SER A 104 -14.99 -4.47 -4.56
C SER A 104 -14.85 -5.07 -3.17
N ASN A 105 -15.25 -4.34 -2.13
CA ASN A 105 -15.19 -4.88 -0.78
C ASN A 105 -16.17 -6.02 -0.65
N ASP A 106 -16.08 -6.81 0.40
CA ASP A 106 -16.87 -8.07 0.46
C ASP A 106 -18.38 -7.81 0.40
N LEU A 107 -18.82 -6.65 0.84
CA LEU A 107 -20.22 -6.22 0.73
C LEU A 107 -20.39 -5.13 -0.30
N GLY A 108 -19.47 -4.99 -1.27
CA GLY A 108 -19.52 -3.86 -2.19
C GLY A 108 -20.53 -4.06 -3.29
N VAL A 109 -20.89 -2.97 -3.95
CA VAL A 109 -21.95 -3.03 -4.95
C VAL A 109 -21.63 -3.99 -6.13
N SER A 110 -20.35 -4.16 -6.47
CA SER A 110 -20.00 -4.95 -7.63
C SER A 110 -19.27 -6.22 -7.30
N HIS A 111 -19.30 -6.62 -6.05
CA HIS A 111 -18.37 -7.61 -5.53
C HIS A 111 -18.49 -8.93 -6.28
N ALA A 112 -19.72 -9.36 -6.60
CA ALA A 112 -19.90 -10.67 -7.20
C ALA A 112 -19.25 -10.70 -8.60
N ASN A 113 -19.21 -9.57 -9.26
CA ASN A 113 -18.63 -9.45 -10.63
C ASN A 113 -17.12 -9.76 -10.61
N TYR A 114 -16.45 -9.37 -9.51
CA TYR A 114 -15.02 -9.65 -9.28
C TYR A 114 -14.81 -11.13 -9.11
N VAL A 115 -15.56 -11.72 -8.20
CA VAL A 115 -15.54 -13.12 -7.95
C VAL A 115 -15.80 -13.91 -9.25
N ASN A 116 -16.82 -13.51 -10.00
CA ASN A 116 -17.24 -14.27 -11.16
C ASN A 116 -16.30 -14.11 -12.38
N ALA A 117 -15.76 -12.91 -12.53
CA ALA A 117 -14.87 -12.58 -13.63
C ALA A 117 -13.60 -13.42 -13.58
N VAL A 118 -13.20 -13.88 -12.41
CA VAL A 118 -11.93 -14.60 -12.28
C VAL A 118 -12.12 -16.09 -12.13
N LYS A 119 -13.38 -16.51 -12.09
CA LYS A 119 -13.71 -17.83 -11.61
C LYS A 119 -13.35 -18.97 -12.56
N THR A 120 -13.48 -18.77 -13.84
CA THR A 120 -13.24 -19.85 -14.81
C THR A 120 -12.33 -19.36 -15.93
N PRO A 121 -11.76 -20.31 -16.70
CA PRO A 121 -10.84 -19.91 -17.77
C PRO A 121 -11.46 -19.02 -18.78
N ALA A 122 -12.67 -19.34 -19.22
CA ALA A 122 -13.41 -18.48 -20.14
C ALA A 122 -13.73 -17.10 -19.58
N ALA A 123 -14.14 -17.02 -18.33
CA ALA A 123 -14.38 -15.70 -17.72
C ALA A 123 -13.08 -14.88 -17.66
N ARG A 124 -11.98 -15.50 -17.25
CA ARG A 124 -10.72 -14.80 -17.15
C ARG A 124 -10.27 -14.27 -18.52
N THR A 125 -10.53 -15.04 -19.58
CA THR A 125 -10.14 -14.61 -20.96
C THR A 125 -10.96 -13.40 -21.35
N LYS A 126 -12.27 -13.46 -21.07
CA LYS A 126 -13.14 -12.34 -21.44
C LYS A 126 -12.77 -11.10 -20.63
N PHE A 127 -12.49 -11.30 -19.36
CA PHE A 127 -12.18 -10.16 -18.50
C PHE A 127 -10.83 -9.52 -18.87
N ALA A 128 -9.83 -10.38 -19.05
CA ALA A 128 -8.48 -9.93 -19.41
C ALA A 128 -8.50 -9.15 -20.74
N GLN A 129 -9.21 -9.69 -21.73
CA GLN A 129 -9.36 -8.97 -22.99
C GLN A 129 -10.00 -7.61 -22.80
N SER A 130 -11.05 -7.55 -21.95
CA SER A 130 -11.70 -6.24 -21.70
C SER A 130 -10.77 -5.24 -21.07
N CYS A 131 -9.89 -5.68 -20.18
CA CYS A 131 -8.95 -4.74 -19.59
C CYS A 131 -8.05 -4.11 -20.65
N VAL A 132 -7.54 -4.94 -21.54
CA VAL A 132 -6.55 -4.46 -22.45
C VAL A 132 -7.27 -3.64 -23.55
N ARG A 133 -8.48 -4.06 -23.91
CA ARG A 133 -9.27 -3.26 -24.83
C ARG A 133 -9.55 -1.87 -24.30
N ILE A 134 -9.91 -1.78 -23.02
CA ILE A 134 -10.21 -0.47 -22.42
C ILE A 134 -8.92 0.34 -22.42
N MET A 135 -7.81 -0.32 -22.08
CA MET A 135 -6.56 0.40 -21.97
C MET A 135 -6.19 1.05 -23.32
N LYS A 136 -6.28 0.25 -24.38
CA LYS A 136 -5.95 0.72 -25.76
C LYS A 136 -6.95 1.76 -26.27
N ASP A 137 -8.22 1.55 -25.97
CA ASP A 137 -9.28 2.41 -26.49
C ASP A 137 -9.18 3.82 -25.91
N TYR A 138 -8.76 3.95 -24.65
CA TYR A 138 -8.75 5.25 -23.98
C TYR A 138 -7.37 5.85 -23.88
N GLY A 139 -6.34 5.09 -24.26
CA GLY A 139 -4.99 5.66 -24.25
C GLY A 139 -4.20 5.48 -22.96
N PHE A 140 -4.61 4.51 -22.15
CA PHE A 140 -3.91 4.30 -20.87
C PHE A 140 -2.66 3.54 -21.13
N ASP A 141 -1.76 3.52 -20.14
CA ASP A 141 -0.43 2.93 -20.21
C ASP A 141 -0.23 1.66 -19.40
N GLY A 142 -1.32 1.19 -18.78
CA GLY A 142 -1.23 0.00 -17.97
C GLY A 142 -2.47 -0.15 -17.11
N VAL A 143 -2.51 -1.26 -16.39
CA VAL A 143 -3.72 -1.67 -15.68
C VAL A 143 -3.33 -1.87 -14.21
N ASP A 144 -4.12 -1.31 -13.30
CA ASP A 144 -3.99 -1.53 -11.88
C ASP A 144 -5.28 -2.18 -11.35
N ILE A 145 -5.15 -3.22 -10.54
CA ILE A 145 -6.29 -3.88 -9.97
C ILE A 145 -6.30 -3.65 -8.47
N ASP A 146 -7.38 -3.06 -7.97
CA ASP A 146 -7.52 -2.72 -6.57
C ASP A 146 -8.78 -3.44 -6.05
N TRP A 147 -8.75 -4.76 -6.00
CA TRP A 147 -9.83 -5.57 -5.46
C TRP A 147 -9.52 -5.78 -3.98
N GLU A 148 -10.37 -5.23 -3.11
CA GLU A 148 -10.15 -5.29 -1.66
C GLU A 148 -11.12 -6.22 -0.93
N TYR A 149 -10.94 -7.54 -0.99
CA TYR A 149 -9.77 -8.29 -1.41
C TYR A 149 -10.25 -9.68 -1.81
N PRO A 150 -9.57 -10.34 -2.79
CA PRO A 150 -9.95 -11.72 -3.08
C PRO A 150 -9.70 -12.58 -1.88
N GLN A 151 -10.53 -13.57 -1.65
CA GLN A 151 -10.12 -14.49 -0.64
C GLN A 151 -10.19 -15.89 -1.10
N ALA A 152 -9.74 -16.81 -0.25
CA ALA A 152 -10.20 -18.23 -0.38
C ALA A 152 -9.96 -18.79 -1.74
N ALA A 153 -10.99 -19.35 -2.42
CA ALA A 153 -10.86 -19.93 -3.81
C ALA A 153 -10.80 -18.91 -4.87
N GLU A 154 -10.95 -17.66 -4.43
CA GLU A 154 -10.90 -16.65 -5.41
C GLU A 154 -9.44 -16.42 -5.81
N VAL A 155 -8.52 -16.81 -4.95
CA VAL A 155 -7.12 -16.39 -5.08
C VAL A 155 -6.48 -17.08 -6.29
N ASP A 156 -6.74 -18.37 -6.48
CA ASP A 156 -6.21 -19.07 -7.67
C ASP A 156 -6.74 -18.50 -8.96
N GLY A 157 -7.98 -18.02 -8.92
CA GLY A 157 -8.63 -17.43 -10.06
C GLY A 157 -8.00 -16.07 -10.35
N PHE A 158 -7.84 -15.31 -9.29
CA PHE A 158 -7.22 -13.96 -9.35
C PHE A 158 -5.75 -14.03 -9.93
N ILE A 159 -4.95 -14.95 -9.43
CA ILE A 159 -3.63 -15.20 -9.99
C ILE A 159 -3.69 -15.50 -11.48
N ALA A 160 -4.53 -16.44 -11.89
CA ALA A 160 -4.73 -16.74 -13.28
C ALA A 160 -5.16 -15.55 -14.08
N ALA A 161 -6.00 -14.70 -13.52
CA ALA A 161 -6.42 -13.54 -14.26
C ALA A 161 -5.27 -12.54 -14.45
N LEU A 162 -4.43 -12.34 -13.41
CA LEU A 162 -3.24 -11.49 -13.56
C LEU A 162 -2.24 -12.04 -14.60
N GLN A 163 -2.03 -13.35 -14.60
CA GLN A 163 -1.18 -14.01 -15.58
C GLN A 163 -1.66 -13.79 -17.01
N GLU A 164 -2.97 -13.82 -17.22
CA GLU A 164 -3.54 -13.62 -18.52
C GLU A 164 -3.52 -12.19 -18.98
N ILE A 165 -3.78 -11.26 -18.08
CA ILE A 165 -3.60 -9.88 -18.38
C ILE A 165 -2.14 -9.58 -18.78
N ARG A 166 -1.22 -10.05 -17.99
CA ARG A 166 0.16 -9.86 -18.29
C ARG A 166 0.51 -10.29 -19.74
N THR A 167 0.06 -11.47 -20.17
CA THR A 167 0.38 -11.95 -21.50
C THR A 167 -0.20 -11.02 -22.54
N LEU A 168 -1.40 -10.54 -22.29
CA LEU A 168 -2.07 -9.66 -23.24
C LEU A 168 -1.45 -8.29 -23.30
N LEU A 169 -0.97 -7.82 -22.15
CA LEU A 169 -0.20 -6.55 -22.14
C LEU A 169 1.13 -6.66 -22.93
N ASN A 170 1.85 -7.77 -22.74
CA ASN A 170 3.07 -8.00 -23.42
C ASN A 170 2.86 -8.04 -24.95
N GLN A 171 1.75 -8.66 -25.39
CA GLN A 171 1.37 -8.64 -26.80
C GLN A 171 1.19 -7.25 -27.28
N GLN A 172 0.57 -6.45 -26.44
CA GLN A 172 0.27 -5.08 -26.84
C GLN A 172 1.53 -4.21 -26.86
N THR A 173 2.45 -4.43 -25.91
CA THR A 173 3.74 -3.78 -25.96
C THR A 173 4.49 -4.05 -27.30
N ILE A 174 4.49 -5.29 -27.74
CA ILE A 174 5.14 -5.65 -28.98
C ILE A 174 4.43 -4.96 -30.16
N ALA A 175 3.09 -5.02 -30.15
CA ALA A 175 2.30 -4.49 -31.23
C ALA A 175 2.56 -3.02 -31.45
N ASP A 176 2.78 -2.27 -30.36
CA ASP A 176 2.92 -0.85 -30.37
C ASP A 176 4.36 -0.42 -30.31
N GLY A 177 5.30 -1.34 -30.29
CA GLY A 177 6.68 -0.97 -30.19
C GLY A 177 6.97 -0.12 -28.96
N ARG A 178 6.46 -0.57 -27.81
CA ARG A 178 6.58 0.22 -26.57
C ARG A 178 7.61 -0.32 -25.66
N GLN A 179 8.65 -0.95 -26.22
CA GLN A 179 9.70 -1.48 -25.38
C GLN A 179 10.38 -0.43 -24.51
N ALA A 180 10.36 0.83 -24.91
CA ALA A 180 10.97 1.87 -24.08
C ALA A 180 10.05 2.28 -22.90
N LEU A 181 8.73 2.06 -23.02
CA LEU A 181 7.78 2.30 -21.91
C LEU A 181 6.68 1.22 -21.89
N PRO A 182 7.06 0.00 -21.54
CA PRO A 182 6.15 -1.10 -21.75
C PRO A 182 4.86 -1.01 -20.87
N TYR A 183 3.77 -1.53 -21.40
CA TYR A 183 2.54 -1.56 -20.69
C TYR A 183 2.75 -2.35 -19.40
N GLN A 184 2.21 -1.79 -18.31
CA GLN A 184 2.42 -2.36 -16.99
C GLN A 184 1.13 -2.88 -16.30
N LEU A 185 1.34 -3.73 -15.30
CA LEU A 185 0.32 -4.34 -14.48
C LEU A 185 0.75 -4.18 -13.03
N THR A 186 -0.09 -3.55 -12.20
CA THR A 186 0.12 -3.44 -10.78
C THR A 186 -1.14 -3.89 -10.06
N ILE A 187 -1.00 -4.19 -8.79
CA ILE A 187 -2.17 -4.20 -7.90
C ILE A 187 -1.93 -3.34 -6.69
N ALA A 188 -3.05 -2.90 -6.12
CA ALA A 188 -3.07 -2.35 -4.76
C ALA A 188 -3.20 -3.50 -3.81
N GLY A 189 -2.17 -3.73 -3.00
CA GLY A 189 -2.09 -4.90 -2.12
C GLY A 189 -2.46 -4.52 -0.70
N ALA A 190 -2.94 -5.48 0.06
CA ALA A 190 -3.11 -5.27 1.49
C ALA A 190 -1.84 -4.82 2.16
N GLY A 191 -1.98 -3.93 3.14
CA GLY A 191 -0.89 -3.40 3.92
C GLY A 191 -0.96 -3.75 5.40
N GLY A 192 -1.87 -4.66 5.75
CA GLY A 192 -2.01 -5.15 7.11
C GLY A 192 -2.30 -6.63 7.07
N ALA A 193 -1.81 -7.34 8.08
CA ALA A 193 -1.79 -8.77 8.08
C ALA A 193 -3.16 -9.45 7.96
N PHE A 194 -4.24 -8.87 8.49
CA PHE A 194 -5.53 -9.51 8.50
C PHE A 194 -6.09 -9.69 7.10
N PHE A 195 -5.99 -8.65 6.28
CA PHE A 195 -6.41 -8.78 4.89
C PHE A 195 -5.35 -9.50 4.02
N LEU A 196 -4.09 -9.27 4.31
CA LEU A 196 -2.95 -9.92 3.64
C LEU A 196 -3.04 -11.45 3.76
N SER A 197 -3.58 -11.90 4.88
CA SER A 197 -3.67 -13.31 5.15
C SER A 197 -4.60 -14.03 4.17
N ARG A 198 -5.51 -13.31 3.49
CA ARG A 198 -6.35 -13.94 2.46
C ARG A 198 -5.55 -14.58 1.30
N TYR A 199 -4.44 -13.98 0.91
CA TYR A 199 -3.70 -14.50 -0.23
C TYR A 199 -2.20 -14.68 0.04
N TYR A 200 -1.81 -14.50 1.30
CA TYR A 200 -0.41 -14.50 1.67
C TYR A 200 0.37 -15.74 1.24
N SER A 201 -0.23 -16.90 1.40
CA SER A 201 0.46 -18.13 1.06
C SER A 201 0.84 -18.21 -0.41
N LYS A 202 0.16 -17.44 -1.27
CA LYS A 202 0.39 -17.48 -2.71
C LYS A 202 0.97 -16.14 -3.19
N LEU A 203 1.66 -15.46 -2.30
CA LEU A 203 2.14 -14.12 -2.61
C LEU A 203 3.13 -14.09 -3.79
N ALA A 204 4.03 -15.07 -3.91
CA ALA A 204 5.01 -15.03 -4.99
C ALA A 204 4.27 -15.19 -6.37
N GLN A 205 3.18 -15.94 -6.41
CA GLN A 205 2.40 -16.12 -7.64
C GLN A 205 1.61 -14.85 -7.99
N ILE A 206 1.10 -14.16 -6.97
CA ILE A 206 0.47 -12.84 -7.15
C ILE A 206 1.41 -11.77 -7.70
N VAL A 207 2.62 -11.74 -7.20
CA VAL A 207 3.56 -10.71 -7.57
C VAL A 207 4.28 -10.97 -8.90
N ALA A 208 4.42 -12.23 -9.28
CA ALA A 208 5.22 -12.56 -10.46
C ALA A 208 4.79 -11.84 -11.74
N PRO A 209 3.49 -11.80 -12.03
CA PRO A 209 3.03 -11.06 -13.20
C PRO A 209 3.06 -9.53 -13.11
N LEU A 210 3.37 -8.98 -11.94
CA LEU A 210 3.26 -7.54 -11.74
C LEU A 210 4.56 -6.83 -11.97
N ASP A 211 4.47 -5.57 -12.37
CA ASP A 211 5.62 -4.66 -12.23
C ASP A 211 5.81 -4.19 -10.79
N TYR A 212 4.71 -3.87 -10.09
CA TYR A 212 4.77 -3.52 -8.71
C TYR A 212 3.54 -4.05 -8.00
N ILE A 213 3.71 -4.33 -6.72
CA ILE A 213 2.59 -4.48 -5.79
C ILE A 213 2.63 -3.28 -4.86
N ASN A 214 1.59 -2.47 -4.95
CA ASN A 214 1.56 -1.22 -4.20
C ASN A 214 0.87 -1.43 -2.85
N LEU A 215 1.64 -1.52 -1.78
CA LEU A 215 1.07 -1.90 -0.53
C LEU A 215 0.24 -0.74 0.04
N MET A 216 -0.96 -1.07 0.49
CA MET A 216 -1.83 -0.06 1.14
C MET A 216 -1.49 -0.01 2.61
N THR A 217 -0.30 0.50 2.85
CA THR A 217 0.23 0.64 4.20
C THR A 217 -0.25 1.96 4.85
N TYR A 218 -1.55 2.06 4.95
CA TYR A 218 -2.23 3.19 5.54
C TYR A 218 -3.62 2.69 5.85
N ASP A 219 -4.45 3.51 6.51
CA ASP A 219 -5.70 2.96 7.03
C ASP A 219 -5.51 1.81 7.97
N LEU A 220 -4.38 1.79 8.69
CA LEU A 220 -4.11 0.72 9.62
C LEU A 220 -4.77 0.98 10.97
N ALA A 221 -5.40 2.16 11.08
CA ALA A 221 -6.23 2.51 12.22
C ALA A 221 -7.40 3.24 11.61
N GLY A 222 -8.48 3.26 12.36
CA GLY A 222 -9.74 3.82 11.91
C GLY A 222 -10.80 3.65 12.99
N PRO A 223 -12.02 4.11 12.71
CA PRO A 223 -13.07 4.08 13.75
C PRO A 223 -13.51 2.70 14.19
N TRP A 224 -13.20 1.68 13.38
CA TRP A 224 -13.49 0.29 13.73
C TRP A 224 -12.55 -0.26 14.83
N GLU A 225 -11.48 0.43 15.19
CA GLU A 225 -10.58 -0.08 16.25
C GLU A 225 -11.08 0.32 17.63
N LYS A 226 -10.62 -0.40 18.65
CA LYS A 226 -11.04 -0.13 20.05
C LYS A 226 -10.42 1.20 20.53
N ILE A 227 -9.14 1.40 20.21
CA ILE A 227 -8.44 2.61 20.62
C ILE A 227 -7.82 3.32 19.45
N THR A 228 -7.62 4.63 19.63
CA THR A 228 -6.98 5.39 18.59
C THR A 228 -5.56 4.87 18.37
N ASN A 229 -5.05 5.09 17.15
CA ASN A 229 -3.72 4.64 16.80
C ASN A 229 -3.30 5.35 15.52
N HIS A 230 -2.01 5.39 15.26
CA HIS A 230 -1.49 5.90 13.98
C HIS A 230 -1.91 5.00 12.85
N GLN A 231 -2.37 5.58 11.74
CA GLN A 231 -2.88 4.79 10.62
C GLN A 231 -1.77 4.25 9.73
N ALA A 232 -0.57 4.82 9.87
CA ALA A 232 0.59 4.50 8.99
C ALA A 232 1.91 4.65 9.72
N ALA A 233 1.98 4.14 10.94
CA ALA A 233 3.22 4.16 11.72
C ALA A 233 4.34 3.40 10.95
N LEU A 234 5.54 3.98 10.83
CA LEU A 234 6.64 3.32 10.19
C LEU A 234 7.12 2.13 11.03
N PHE A 235 7.39 2.42 12.29
CA PHE A 235 7.81 1.44 13.27
C PHE A 235 6.84 1.46 14.41
N GLY A 236 6.98 0.47 15.28
CA GLY A 236 6.09 0.29 16.40
C GLY A 236 6.42 1.12 17.65
N ASP A 237 5.37 1.39 18.41
CA ASP A 237 5.45 2.04 19.71
C ASP A 237 4.97 1.05 20.72
N ALA A 238 5.82 0.66 21.66
CA ALA A 238 5.45 -0.27 22.70
C ALA A 238 4.30 0.21 23.56
N ALA A 239 4.02 1.51 23.62
CA ALA A 239 2.85 1.96 24.36
C ALA A 239 1.53 1.79 23.57
N GLY A 240 1.62 1.53 22.26
CA GLY A 240 0.44 1.50 21.40
C GLY A 240 -0.16 0.09 21.41
N PRO A 241 -1.26 -0.12 20.68
CA PRO A 241 -1.86 -1.45 20.67
C PRO A 241 -1.03 -2.45 19.87
N THR A 242 -1.27 -3.72 20.16
CA THR A 242 -0.69 -4.82 19.38
C THR A 242 -1.81 -5.72 18.93
N PHE A 243 -1.53 -6.51 17.90
CA PHE A 243 -2.54 -7.31 17.23
C PHE A 243 -2.05 -8.75 17.07
N TYR A 244 -3.00 -9.65 17.02
CA TYR A 244 -2.77 -11.04 16.58
C TYR A 244 -2.14 -11.05 15.22
N ASN A 245 -1.11 -11.89 15.03
CA ASN A 245 -0.49 -12.07 13.72
C ASN A 245 -1.20 -13.19 12.94
N ALA A 246 -2.20 -12.81 12.15
CA ALA A 246 -3.04 -13.76 11.36
C ALA A 246 -2.22 -14.62 10.39
N LEU A 247 -1.05 -14.16 9.98
CA LEU A 247 -0.25 -14.89 9.01
C LEU A 247 0.24 -16.21 9.59
N ARG A 248 0.38 -16.34 10.91
CA ARG A 248 0.81 -17.61 11.50
C ARG A 248 -0.23 -18.72 11.29
N GLU A 249 -1.45 -18.33 10.85
CA GLU A 249 -2.50 -19.32 10.59
C GLU A 249 -2.69 -19.58 9.10
N ALA A 250 -1.87 -18.96 8.26
CA ALA A 250 -2.02 -19.12 6.82
C ALA A 250 -1.60 -20.52 6.42
N ASN A 251 -2.14 -21.01 5.31
CA ASN A 251 -1.86 -22.39 4.79
C ASN A 251 -0.49 -22.51 4.10
N LEU A 252 0.61 -22.46 4.90
CA LEU A 252 1.94 -22.35 4.39
C LEU A 252 2.62 -23.69 4.43
N GLY A 253 2.22 -24.53 5.38
CA GLY A 253 2.84 -25.85 5.53
C GLY A 253 4.13 -25.79 6.28
N TRP A 254 4.37 -24.70 7.01
CA TRP A 254 5.61 -24.56 7.73
C TRP A 254 5.52 -25.20 9.12
N SER A 255 6.67 -25.37 9.77
CA SER A 255 6.77 -26.03 11.11
C SER A 255 6.48 -24.99 12.22
N TRP A 256 6.34 -25.44 13.45
CA TRP A 256 6.12 -24.51 14.55
C TRP A 256 7.24 -23.48 14.60
N GLU A 257 8.49 -23.93 14.54
CA GLU A 257 9.63 -23.00 14.65
C GLU A 257 9.69 -22.03 13.45
N GLU A 258 9.42 -22.53 12.25
CA GLU A 258 9.44 -21.66 11.10
C GLU A 258 8.34 -20.58 11.24
N LEU A 259 7.14 -21.00 11.61
CA LEU A 259 6.03 -20.05 11.89
C LEU A 259 6.36 -19.00 12.95
N THR A 260 6.86 -19.47 14.08
CA THR A 260 7.15 -18.64 15.19
C THR A 260 8.23 -17.60 14.83
N ARG A 261 9.24 -18.00 14.09
CA ARG A 261 10.32 -17.09 13.72
C ARG A 261 9.86 -16.02 12.69
N ALA A 262 8.91 -16.39 11.84
CA ALA A 262 8.39 -15.47 10.81
C ALA A 262 7.31 -14.56 11.33
N PHE A 263 6.49 -15.05 12.28
CA PHE A 263 5.26 -14.37 12.65
C PHE A 263 5.14 -14.13 14.18
N PRO A 264 5.92 -13.21 14.72
CA PRO A 264 5.69 -12.83 16.08
C PRO A 264 4.28 -12.30 16.33
N SER A 265 3.73 -12.68 17.49
CA SER A 265 2.38 -12.34 17.82
C SER A 265 2.28 -12.22 19.33
N PRO A 266 1.69 -11.14 19.83
CA PRO A 266 1.12 -10.09 19.03
C PRO A 266 2.19 -9.21 18.42
N PHE A 267 1.82 -8.33 17.51
CA PHE A 267 2.80 -7.54 16.80
C PHE A 267 2.24 -6.14 16.60
N SER A 268 3.12 -5.21 16.26
CA SER A 268 2.73 -3.85 15.95
C SER A 268 2.36 -3.68 14.47
N LEU A 269 1.16 -3.18 14.23
CA LEU A 269 0.66 -3.00 12.86
C LEU A 269 1.21 -1.74 12.19
N THR A 270 2.28 -1.93 11.42
CA THR A 270 3.13 -0.83 10.99
C THR A 270 3.44 -1.01 9.50
N VAL A 271 3.98 0.04 8.91
CA VAL A 271 4.46 -0.06 7.52
C VAL A 271 5.59 -1.11 7.38
N ASP A 272 6.54 -1.06 8.31
CA ASP A 272 7.68 -1.94 8.32
C ASP A 272 7.20 -3.39 8.42
N ALA A 273 6.20 -3.66 9.27
CA ALA A 273 5.62 -5.00 9.37
C ALA A 273 5.20 -5.51 8.01
N ALA A 274 4.39 -4.73 7.29
CA ALA A 274 3.82 -5.18 6.02
C ALA A 274 4.95 -5.39 5.02
N VAL A 275 5.93 -4.48 5.00
CA VAL A 275 7.01 -4.62 4.04
C VAL A 275 7.82 -5.90 4.33
N GLN A 276 8.10 -6.13 5.62
CA GLN A 276 8.91 -7.30 5.98
C GLN A 276 8.13 -8.55 5.73
N GLN A 277 6.82 -8.50 5.97
CA GLN A 277 5.98 -9.67 5.70
C GLN A 277 6.05 -10.08 4.26
N HIS A 278 6.14 -9.09 3.38
CA HIS A 278 6.30 -9.42 1.95
C HIS A 278 7.70 -9.97 1.67
N LEU A 279 8.70 -9.34 2.24
CA LEU A 279 10.06 -9.73 1.95
C LEU A 279 10.40 -11.14 2.45
N MET A 280 9.70 -11.55 3.51
CA MET A 280 9.91 -12.89 4.05
C MET A 280 9.65 -14.00 3.08
N MET A 281 8.81 -13.74 2.08
CA MET A 281 8.32 -14.77 1.20
C MET A 281 9.27 -14.91 0.03
N GLU A 282 9.62 -16.16 -0.25
CA GLU A 282 10.56 -16.42 -1.31
C GLU A 282 9.91 -16.13 -2.65
N GLY A 283 10.66 -15.49 -3.53
CA GLY A 283 10.14 -15.14 -4.81
C GLY A 283 9.46 -13.78 -4.86
N VAL A 284 9.48 -13.00 -3.77
CA VAL A 284 8.89 -11.64 -3.76
C VAL A 284 10.02 -10.61 -3.70
N PRO A 285 10.43 -10.04 -4.84
CA PRO A 285 11.60 -9.16 -4.87
C PRO A 285 11.28 -7.78 -4.29
N SER A 286 12.21 -7.25 -3.53
CA SER A 286 12.09 -5.95 -2.93
C SER A 286 11.80 -4.86 -3.98
N ALA A 287 12.35 -4.98 -5.21
CA ALA A 287 12.15 -3.99 -6.21
C ALA A 287 10.70 -3.89 -6.70
N LYS A 288 9.86 -4.90 -6.45
CA LYS A 288 8.47 -4.83 -6.85
C LYS A 288 7.57 -4.27 -5.74
N ILE A 289 8.07 -4.17 -4.51
CA ILE A 289 7.30 -3.75 -3.36
C ILE A 289 7.35 -2.22 -3.29
N VAL A 290 6.18 -1.60 -3.43
CA VAL A 290 5.99 -0.16 -3.35
C VAL A 290 5.25 0.18 -2.07
N MET A 291 5.78 1.15 -1.33
CA MET A 291 5.15 1.55 -0.06
C MET A 291 4.09 2.60 -0.27
N GLY A 292 2.85 2.26 0.04
CA GLY A 292 1.79 3.25 0.04
C GLY A 292 1.81 4.18 1.21
N VAL A 293 1.45 5.44 0.95
CA VAL A 293 1.38 6.45 1.99
C VAL A 293 0.05 7.21 1.81
N PRO A 294 -0.55 7.65 2.94
CA PRO A 294 -1.74 8.46 2.86
C PRO A 294 -1.46 9.97 2.69
N PHE A 295 -2.21 10.62 1.83
CA PHE A 295 -2.20 12.08 1.74
C PHE A 295 -3.44 12.67 2.51
N TYR A 296 -4.01 11.86 3.42
CA TYR A 296 -5.17 12.21 4.26
C TYR A 296 -4.93 11.75 5.69
N GLY A 297 -5.65 12.40 6.61
CA GLY A 297 -5.65 12.03 7.96
C GLY A 297 -6.99 11.35 8.29
N ARG A 298 -6.93 10.46 9.27
CA ARG A 298 -8.10 9.96 9.97
C ARG A 298 -8.31 10.54 11.34
N ALA A 299 -9.53 11.04 11.54
CA ALA A 299 -9.92 11.78 12.74
C ALA A 299 -10.80 10.96 13.62
N PHE A 300 -10.56 11.13 14.92
CA PHE A 300 -11.31 10.48 15.97
C PHE A 300 -11.81 11.52 16.95
N LYS A 301 -12.98 11.28 17.54
CA LYS A 301 -13.51 12.22 18.58
C LYS A 301 -13.71 11.41 19.86
N GLY A 302 -14.02 12.10 20.95
CA GLY A 302 -14.25 11.48 22.26
C GLY A 302 -13.00 10.91 22.90
N VAL A 303 -11.83 11.45 22.58
CA VAL A 303 -10.61 10.86 23.13
C VAL A 303 -10.24 11.48 24.50
N SER A 304 -9.61 10.71 25.37
CA SER A 304 -8.98 11.21 26.63
C SER A 304 -7.60 11.89 26.51
N GLY A 305 -7.31 12.71 27.52
CA GLY A 305 -6.03 13.40 27.62
C GLY A 305 -4.96 12.47 28.12
N GLY A 306 -3.74 12.98 28.20
CA GLY A 306 -2.70 12.19 28.81
C GLY A 306 -1.56 11.82 27.88
N ASN A 307 -1.85 11.33 26.66
CA ASN A 307 -0.78 11.08 25.74
C ASN A 307 -1.14 11.62 24.37
N GLY A 308 -1.73 12.81 24.33
CA GLY A 308 -1.95 13.53 23.08
C GLY A 308 -3.05 12.91 22.23
N GLY A 309 -3.89 12.12 22.87
CA GLY A 309 -5.00 11.47 22.19
C GLY A 309 -4.64 10.11 21.61
N GLN A 310 -3.39 9.66 21.79
CA GLN A 310 -2.94 8.39 21.22
C GLN A 310 -3.43 7.24 22.13
N TYR A 311 -3.83 6.13 21.53
CA TYR A 311 -4.10 4.91 22.25
C TYR A 311 -5.20 5.12 23.30
N SER A 312 -6.18 5.94 22.93
CA SER A 312 -7.34 6.23 23.77
C SER A 312 -8.56 5.52 23.24
N SER A 313 -9.50 5.24 24.15
CA SER A 313 -10.85 4.96 23.72
C SER A 313 -11.45 6.21 23.07
N HIS A 314 -12.44 6.01 22.23
CA HIS A 314 -12.95 7.10 21.46
C HIS A 314 -14.43 6.86 21.19
N SER A 315 -15.08 7.84 20.58
CA SER A 315 -16.50 7.73 20.27
C SER A 315 -16.78 8.08 18.82
N THR A 316 -15.92 7.62 17.91
CA THR A 316 -16.07 7.96 16.50
C THR A 316 -17.01 6.99 15.87
N PRO A 317 -18.11 7.44 15.23
CA PRO A 317 -18.98 6.41 14.59
C PRO A 317 -18.25 5.69 13.45
N GLY A 318 -18.47 4.38 13.34
CA GLY A 318 -17.92 3.59 12.23
C GLY A 318 -18.90 3.28 11.09
N GLU A 319 -20.12 3.77 11.20
CA GLU A 319 -21.16 3.43 10.23
C GLU A 319 -20.96 4.21 8.93
N ASP A 320 -21.41 3.62 7.84
CA ASP A 320 -21.45 4.29 6.53
C ASP A 320 -22.87 4.28 6.01
N PRO A 321 -23.39 5.43 5.58
CA PRO A 321 -22.84 6.79 5.66
C PRO A 321 -22.76 7.31 7.10
N TYR A 322 -22.02 8.38 7.27
CA TYR A 322 -21.86 9.00 8.56
C TYR A 322 -23.25 9.31 9.10
N PRO A 323 -23.50 8.97 10.36
CA PRO A 323 -24.93 8.86 10.74
C PRO A 323 -25.66 10.10 11.14
N ASN A 324 -24.99 11.24 11.18
CA ASN A 324 -25.73 12.44 11.56
C ASN A 324 -25.05 13.61 10.91
N ALA A 325 -25.48 14.82 11.26
CA ALA A 325 -24.92 16.05 10.69
C ALA A 325 -24.03 16.77 11.68
N ASP A 326 -23.44 16.05 12.63
CA ASP A 326 -22.50 16.70 13.53
C ASP A 326 -21.11 16.63 12.89
N TYR A 327 -20.68 17.70 12.28
CA TYR A 327 -19.38 17.68 11.64
C TYR A 327 -18.41 18.25 12.63
N TRP A 328 -17.88 17.38 13.51
CA TRP A 328 -17.20 17.82 14.73
C TRP A 328 -15.69 18.07 14.51
N LEU A 329 -15.21 17.85 13.30
CA LEU A 329 -13.80 18.09 13.03
C LEU A 329 -13.66 19.61 12.77
N VAL A 330 -13.35 20.30 13.86
CA VAL A 330 -13.30 21.77 13.93
C VAL A 330 -12.37 22.25 12.84
N GLY A 331 -12.84 23.17 12.01
CA GLY A 331 -12.00 23.80 10.99
C GLY A 331 -12.00 23.05 9.67
N CYS A 332 -12.54 21.84 9.63
CA CYS A 332 -12.57 21.11 8.36
C CYS A 332 -13.76 21.46 7.48
N ASP A 333 -13.58 22.34 6.50
CA ASP A 333 -14.65 22.73 5.60
C ASP A 333 -14.95 21.62 4.59
N GLU A 334 -13.92 20.86 4.20
CA GLU A 334 -14.16 19.77 3.26
C GLU A 334 -15.09 18.74 3.90
N CYS A 335 -14.95 18.49 5.19
CA CYS A 335 -15.83 17.54 5.90
C CYS A 335 -17.28 17.94 5.87
N VAL A 336 -17.52 19.23 6.00
CA VAL A 336 -18.89 19.74 5.89
C VAL A 336 -19.44 19.46 4.49
N ARG A 337 -18.65 19.82 3.50
CA ARG A 337 -18.96 19.55 2.09
C ARG A 337 -19.18 18.07 1.88
N ASP A 338 -18.28 17.22 2.40
CA ASP A 338 -18.44 15.77 2.13
C ASP A 338 -19.39 15.09 3.14
N LYS A 339 -19.88 15.86 4.11
CA LYS A 339 -20.74 15.33 5.19
C LYS A 339 -20.15 14.17 6.02
N ASP A 340 -18.87 14.26 6.34
CA ASP A 340 -18.18 13.21 7.05
C ASP A 340 -16.93 13.80 7.65
N PRO A 341 -16.85 13.77 8.98
CA PRO A 341 -15.73 14.42 9.70
C PRO A 341 -14.56 13.47 9.91
N ARG A 342 -14.63 12.25 9.37
CA ARG A 342 -13.69 11.22 9.75
C ARG A 342 -12.39 11.19 8.99
N ILE A 343 -12.39 11.80 7.81
CA ILE A 343 -11.27 11.89 6.94
C ILE A 343 -11.09 13.33 6.46
N ALA A 344 -9.85 13.79 6.45
CA ALA A 344 -9.49 15.10 5.94
C ALA A 344 -8.17 15.06 5.15
N SER A 345 -8.19 15.70 4.00
CA SER A 345 -7.04 15.77 3.16
C SER A 345 -5.91 16.48 3.90
N TYR A 346 -4.67 16.13 3.60
CA TYR A 346 -3.53 16.90 4.10
C TYR A 346 -3.74 18.43 3.83
N ARG A 347 -4.17 18.76 2.63
CA ARG A 347 -4.46 20.12 2.25
C ARG A 347 -5.31 20.81 3.34
N GLN A 348 -6.42 20.16 3.70
CA GLN A 348 -7.30 20.66 4.75
C GLN A 348 -6.63 20.70 6.12
N LEU A 349 -5.88 19.65 6.45
CA LEU A 349 -5.22 19.59 7.75
C LEU A 349 -4.26 20.76 7.97
N GLU A 350 -3.52 21.15 6.95
CA GLU A 350 -2.62 22.29 7.12
C GLU A 350 -3.40 23.53 7.48
N GLN A 351 -4.51 23.78 6.83
CA GLN A 351 -5.40 24.89 7.17
C GLN A 351 -5.97 24.85 8.59
N MET A 352 -6.34 23.66 9.03
CA MET A 352 -6.85 23.47 10.39
C MET A 352 -5.81 23.80 11.42
N LEU A 353 -4.61 23.40 11.11
CA LEU A 353 -3.52 23.64 12.02
C LEU A 353 -3.12 25.13 11.97
N GLN A 354 -3.29 25.77 10.82
CA GLN A 354 -2.89 27.17 10.70
C GLN A 354 -3.85 28.13 11.38
N GLY A 355 -5.13 27.78 11.34
CA GLY A 355 -6.23 28.57 11.86
C GLY A 355 -6.25 28.47 13.36
N ASN A 356 -7.11 29.26 13.99
CA ASN A 356 -7.23 29.24 15.45
C ASN A 356 -8.28 28.23 15.84
N TYR A 357 -8.02 26.95 15.62
CA TYR A 357 -9.03 25.96 15.83
C TYR A 357 -8.79 25.12 17.04
N GLY A 358 -7.62 25.31 17.67
CA GLY A 358 -7.25 24.61 18.90
C GLY A 358 -6.47 23.28 18.75
N TYR A 359 -5.88 23.02 17.58
CA TYR A 359 -5.05 21.78 17.41
C TYR A 359 -3.61 22.05 17.75
N GLN A 360 -2.95 21.08 18.37
CA GLN A 360 -1.53 21.02 18.44
C GLN A 360 -1.02 19.92 17.48
N ARG A 361 0.06 20.18 16.77
CA ARG A 361 0.75 19.18 15.96
C ARG A 361 1.79 18.52 16.80
N LEU A 362 1.68 17.21 16.99
CA LEU A 362 2.64 16.46 17.81
C LEU A 362 3.34 15.43 16.95
N TRP A 363 4.39 14.82 17.48
CA TRP A 363 5.25 13.93 16.75
C TRP A 363 5.56 12.73 17.61
N ASN A 364 5.40 11.53 17.05
CA ASN A 364 5.74 10.34 17.81
C ASN A 364 7.05 9.87 17.23
N ASP A 365 8.08 9.90 18.07
CA ASP A 365 9.44 9.69 17.55
C ASP A 365 9.79 8.16 17.43
N LYS A 366 8.87 7.29 17.84
CA LYS A 366 8.99 5.84 17.61
C LYS A 366 8.40 5.49 16.25
N THR A 367 7.17 5.96 16.03
CA THR A 367 6.43 5.66 14.82
C THR A 367 6.90 6.53 13.66
N LYS A 368 7.62 7.62 13.98
CA LYS A 368 8.06 8.60 13.02
C LYS A 368 6.88 9.18 12.23
N THR A 369 5.80 9.49 12.94
CA THR A 369 4.62 10.10 12.30
C THR A 369 4.08 11.24 13.16
N PRO A 370 3.41 12.21 12.52
CA PRO A 370 2.76 13.32 13.20
C PRO A 370 1.36 12.97 13.58
N TYR A 371 0.75 13.80 14.42
CA TYR A 371 -0.64 13.64 14.73
C TYR A 371 -1.16 14.95 15.29
N LEU A 372 -2.43 15.21 15.07
CA LEU A 372 -3.06 16.41 15.68
C LEU A 372 -3.82 15.98 16.92
N TYR A 373 -3.71 16.80 17.96
CA TYR A 373 -4.48 16.65 19.16
C TYR A 373 -5.24 17.97 19.48
N HIS A 374 -6.55 17.85 19.67
CA HIS A 374 -7.40 18.97 20.08
C HIS A 374 -7.79 18.71 21.50
N ALA A 375 -7.03 19.28 22.43
CA ALA A 375 -7.17 18.98 23.87
C ALA A 375 -8.54 19.41 24.37
N GLN A 376 -9.07 20.53 23.88
CA GLN A 376 -10.30 21.00 24.43
C GLN A 376 -11.48 20.07 24.07
N ASN A 377 -11.61 19.67 22.81
CA ASN A 377 -12.75 18.82 22.39
C ASN A 377 -12.53 17.31 22.48
N GLY A 378 -11.28 16.91 22.64
CA GLY A 378 -10.90 15.52 22.68
C GLY A 378 -10.88 14.94 21.29
N LEU A 379 -10.11 15.55 20.38
CA LEU A 379 -9.93 15.00 19.02
C LEU A 379 -8.48 14.58 18.76
N PHE A 380 -8.36 13.59 17.90
CA PHE A 380 -7.05 13.00 17.51
C PHE A 380 -7.11 12.74 16.01
N VAL A 381 -6.06 13.16 15.31
CA VAL A 381 -5.94 12.98 13.88
C VAL A 381 -4.61 12.34 13.54
N THR A 382 -4.65 11.21 12.83
CA THR A 382 -3.42 10.55 12.40
C THR A 382 -3.21 10.77 10.90
N TYR A 383 -2.04 11.27 10.54
CA TYR A 383 -1.75 11.60 9.15
C TYR A 383 -0.25 11.52 8.87
N ASP A 384 0.14 11.78 7.61
CA ASP A 384 1.53 11.86 7.22
C ASP A 384 1.85 13.26 6.70
N ASP A 385 3.11 13.67 6.83
CA ASP A 385 3.59 14.90 6.21
C ASP A 385 4.99 14.75 5.63
N ALA A 386 5.60 15.88 5.27
CA ALA A 386 6.89 15.90 4.56
C ALA A 386 7.96 15.44 5.50
N GLU A 387 7.72 15.52 6.81
CA GLU A 387 8.67 14.97 7.76
C GLU A 387 8.60 13.44 7.93
N SER A 388 7.41 12.88 8.04
CA SER A 388 7.31 11.43 8.14
C SER A 388 7.81 10.84 6.81
N PHE A 389 7.61 11.56 5.72
CA PHE A 389 8.11 11.11 4.42
C PHE A 389 9.65 10.95 4.29
N LYS A 390 10.40 11.65 5.12
CA LYS A 390 11.84 11.48 5.18
C LYS A 390 12.19 10.12 5.64
N TYR A 391 11.57 9.68 6.71
CA TYR A 391 11.88 8.37 7.27
C TYR A 391 11.40 7.27 6.36
N LYS A 392 10.22 7.46 5.78
CA LYS A 392 9.70 6.50 4.84
C LYS A 392 10.54 6.40 3.58
N ALA A 393 10.98 7.55 3.06
CA ALA A 393 11.88 7.54 1.90
C ALA A 393 13.20 6.84 2.21
N LYS A 394 13.76 7.11 3.38
CA LYS A 394 15.01 6.47 3.74
C LYS A 394 14.79 4.97 3.84
N TYR A 395 13.66 4.55 4.39
CA TYR A 395 13.37 3.14 4.50
C TYR A 395 13.28 2.44 3.15
N ILE A 396 12.57 3.10 2.23
CA ILE A 396 12.44 2.66 0.84
C ILE A 396 13.80 2.46 0.16
N LYS A 397 14.74 3.39 0.40
CA LYS A 397 16.11 3.25 -0.12
C LYS A 397 16.87 2.14 0.57
N GLN A 398 16.77 2.07 1.89
CA GLN A 398 17.55 1.11 2.65
C GLN A 398 17.07 -0.30 2.35
N GLN A 399 15.75 -0.49 2.28
CA GLN A 399 15.22 -1.82 1.98
C GLN A 399 15.15 -2.17 0.52
N GLN A 400 15.65 -1.28 -0.34
CA GLN A 400 15.65 -1.46 -1.78
C GLN A 400 14.24 -1.76 -2.37
N LEU A 401 13.28 -0.94 -1.95
CA LEU A 401 11.93 -1.07 -2.46
C LEU A 401 11.80 -0.36 -3.78
N GLY A 402 10.73 -0.65 -4.45
CA GLY A 402 10.48 -0.13 -5.79
C GLY A 402 10.13 1.34 -5.82
N GLY A 403 9.61 1.85 -4.71
CA GLY A 403 9.15 3.23 -4.70
C GLY A 403 8.02 3.49 -3.72
N VAL A 404 7.20 4.49 -4.04
CA VAL A 404 6.14 4.98 -3.13
C VAL A 404 4.86 5.13 -3.98
N MET A 405 3.71 4.82 -3.37
CA MET A 405 2.42 5.05 -3.95
C MET A 405 1.63 5.90 -2.93
N PHE A 406 0.67 6.68 -3.41
CA PHE A 406 -0.15 7.46 -2.49
C PHE A 406 -1.57 7.62 -2.93
N TRP A 407 -2.44 7.71 -1.92
CA TRP A 407 -3.84 8.01 -2.16
C TRP A 407 -4.07 9.34 -1.40
N HIS A 408 -4.50 10.40 -2.09
CA HIS A 408 -4.50 10.61 -3.51
C HIS A 408 -4.11 12.04 -3.86
N LEU A 409 -3.88 12.28 -5.15
CA LEU A 409 -3.29 13.53 -5.66
C LEU A 409 -4.09 14.77 -5.25
N GLY A 410 -5.40 14.63 -5.22
CA GLY A 410 -6.30 15.72 -4.89
C GLY A 410 -6.18 16.16 -3.44
N GLN A 411 -5.44 15.41 -2.63
CA GLN A 411 -5.35 15.70 -1.21
C GLN A 411 -4.07 16.43 -0.84
N ASP A 412 -3.13 16.51 -1.77
CA ASP A 412 -1.90 17.24 -1.53
C ASP A 412 -2.30 18.71 -1.42
N ASN A 413 -1.47 19.53 -0.82
CA ASN A 413 -1.78 20.94 -0.82
C ASN A 413 -1.60 21.55 -2.23
N ARG A 414 -1.97 22.81 -2.35
CA ARG A 414 -2.06 23.45 -3.65
C ARG A 414 -0.73 23.50 -4.37
N ASN A 415 0.32 23.74 -3.62
CA ASN A 415 1.63 23.76 -4.17
C ASN A 415 2.26 22.36 -4.37
N GLY A 416 1.58 21.32 -3.91
CA GLY A 416 2.03 19.96 -4.18
C GLY A 416 3.22 19.62 -3.34
N ASP A 417 3.23 20.12 -2.11
CA ASP A 417 4.41 19.96 -1.27
C ASP A 417 4.70 18.48 -0.84
N LEU A 418 3.68 17.66 -0.67
CA LEU A 418 3.96 16.24 -0.32
C LEU A 418 4.63 15.50 -1.48
N LEU A 419 4.12 15.69 -2.69
CA LEU A 419 4.68 15.05 -3.85
C LEU A 419 6.12 15.57 -4.10
N ALA A 420 6.31 16.88 -3.93
CA ALA A 420 7.65 17.51 -4.10
C ALA A 420 8.63 16.94 -3.10
N ALA A 421 8.18 16.69 -1.88
CA ALA A 421 9.04 16.15 -0.84
C ALA A 421 9.51 14.71 -1.20
N LEU A 422 8.58 13.86 -1.63
CA LEU A 422 8.92 12.51 -2.03
C LEU A 422 9.95 12.54 -3.19
N ASP A 423 9.68 13.34 -4.20
CA ASP A 423 10.56 13.46 -5.34
C ASP A 423 11.94 13.96 -4.92
N ARG A 424 11.97 14.92 -4.02
CA ARG A 424 13.24 15.39 -3.46
C ARG A 424 14.02 14.32 -2.72
N TYR A 425 13.34 13.55 -1.89
CA TYR A 425 14.06 12.61 -1.05
C TYR A 425 14.70 11.50 -1.87
N PHE A 426 14.11 11.20 -3.03
CA PHE A 426 14.65 10.17 -3.89
C PHE A 426 15.69 10.74 -4.86
N ASN A 427 15.45 11.94 -5.37
CA ASN A 427 16.13 12.42 -6.59
C ASN A 427 16.94 13.69 -6.44
N ALA A 428 16.77 14.48 -5.37
CA ALA A 428 17.51 15.77 -5.27
C ALA A 428 18.99 15.53 -4.94
N ALA A 429 19.87 16.10 -5.78
CA ALA A 429 21.31 15.91 -5.62
C ALA A 429 21.82 16.43 -4.28
N ASP A 430 21.21 17.48 -3.77
CA ASP A 430 21.68 18.09 -2.55
C ASP A 430 20.93 17.65 -1.28
N TYR A 431 20.00 16.70 -1.38
CA TYR A 431 19.30 16.25 -0.17
C TYR A 431 20.13 15.15 0.41
N ASP A 432 20.44 15.18 1.68
CA ASP A 432 21.24 14.11 2.27
C ASP A 432 20.52 13.56 3.49
N ASP A 433 20.19 12.26 3.49
CA ASP A 433 19.59 11.64 4.70
C ASP A 433 20.52 10.63 5.37
N SER A 434 21.79 10.69 5.01
CA SER A 434 22.76 9.76 5.61
C SER A 434 22.78 9.86 7.10
N GLN A 435 22.50 11.01 7.67
CA GLN A 435 22.49 11.12 9.14
C GLN A 435 21.10 11.06 9.74
N LEU A 436 20.06 10.86 8.96
CA LEU A 436 18.72 10.86 9.53
C LEU A 436 18.52 9.65 10.43
N ASP A 437 18.17 9.91 11.68
CA ASP A 437 18.12 8.88 12.71
C ASP A 437 16.74 8.19 12.64
N MET A 438 16.76 6.89 12.40
CA MET A 438 15.54 6.11 12.18
C MET A 438 14.88 5.70 13.50
N GLY A 439 15.53 5.99 14.61
CA GLY A 439 14.94 5.88 15.95
C GLY A 439 14.96 4.46 16.49
N THR A 440 14.39 4.29 17.67
CA THR A 440 14.34 3.01 18.33
C THR A 440 12.89 2.47 18.40
N GLY A 441 11.98 2.88 17.50
CA GLY A 441 10.69 2.16 17.42
C GLY A 441 10.88 0.68 17.07
N LEU A 442 9.88 -0.11 17.39
CA LEU A 442 9.91 -1.54 17.18
C LEU A 442 9.94 -1.95 15.72
N ARG A 443 10.96 -2.71 15.37
CA ARG A 443 11.10 -3.29 14.06
C ARG A 443 10.42 -4.65 14.06
N TYR A 444 9.84 -5.02 12.93
CA TYR A 444 9.23 -6.34 12.75
C TYR A 444 10.45 -7.26 12.54
N THR A 445 10.65 -8.25 13.38
CA THR A 445 11.87 -9.04 13.24
C THR A 445 11.67 -10.42 12.64
N GLY A 446 10.54 -10.66 12.00
CA GLY A 446 10.32 -11.92 11.37
C GLY A 446 11.38 -12.26 10.35
N VAL A 447 11.69 -13.54 10.24
CA VAL A 447 12.52 -14.03 9.17
C VAL A 447 11.84 -15.22 8.58
N GLY A 448 11.84 -15.27 7.26
CA GLY A 448 11.27 -16.37 6.51
C GLY A 448 12.24 -16.76 5.42
N PRO A 449 11.80 -17.61 4.48
CA PRO A 449 12.73 -18.11 3.45
C PRO A 449 13.20 -17.05 2.48
N GLY A 450 12.46 -15.94 2.34
CA GLY A 450 12.84 -14.92 1.38
C GLY A 450 13.82 -13.90 1.87
N ASN A 451 14.05 -13.84 3.17
CA ASN A 451 14.87 -12.77 3.74
C ASN A 451 15.83 -13.33 4.80
N LEU A 452 16.40 -14.50 4.55
CA LEU A 452 17.45 -15.03 5.44
C LEU A 452 18.67 -14.10 5.49
N PRO A 453 19.13 -13.77 6.71
CA PRO A 453 20.34 -12.94 6.84
C PRO A 453 21.61 -13.66 6.40
N ILE A 454 22.59 -12.88 5.96
CA ILE A 454 23.89 -13.45 5.65
C ILE A 454 24.51 -13.79 6.99
N MET A 455 25.04 -15.00 7.10
CA MET A 455 25.64 -15.38 8.38
C MET A 455 26.93 -16.16 8.10
N THR A 456 27.74 -16.39 9.13
CA THR A 456 28.86 -17.37 9.04
C THR A 456 28.72 -18.34 10.21
N ALA A 457 29.32 -19.50 10.10
CA ALA A 457 29.39 -20.39 11.26
C ALA A 457 30.42 -21.37 10.82
N PRO A 458 30.92 -22.17 11.75
CA PRO A 458 31.82 -23.27 11.37
C PRO A 458 31.14 -24.30 10.50
N ALA A 459 31.89 -24.94 9.63
CA ALA A 459 31.33 -25.98 8.82
C ALA A 459 30.85 -27.16 9.69
N TYR A 460 29.73 -27.75 9.28
CA TYR A 460 29.24 -28.97 9.83
C TYR A 460 30.29 -30.07 9.68
N VAL A 461 30.35 -30.91 10.71
CA VAL A 461 31.31 -32.03 10.72
C VAL A 461 30.58 -33.30 11.04
N PRO A 462 30.65 -34.29 10.15
CA PRO A 462 29.97 -35.52 10.41
C PRO A 462 30.55 -36.22 11.65
N GLY A 463 29.71 -36.76 12.53
CA GLY A 463 30.18 -37.35 13.77
C GLY A 463 30.08 -36.49 15.01
N THR A 464 29.96 -35.19 14.85
CA THR A 464 29.99 -34.31 15.96
C THR A 464 28.57 -34.25 16.56
N THR A 465 28.48 -34.13 17.87
CA THR A 465 27.18 -34.09 18.55
C THR A 465 26.90 -32.64 18.86
N TYR A 466 25.86 -32.10 18.27
CA TYR A 466 25.58 -30.70 18.43
C TYR A 466 24.48 -30.53 19.48
N ALA A 467 24.76 -29.69 20.47
CA ALA A 467 23.76 -29.25 21.44
C ALA A 467 22.70 -28.35 20.80
N GLN A 468 21.60 -28.19 21.50
CA GLN A 468 20.54 -27.25 21.12
C GLN A 468 21.08 -25.87 20.96
N GLY A 469 20.71 -25.21 19.86
CA GLY A 469 21.15 -23.86 19.62
C GLY A 469 22.46 -23.77 18.82
N ALA A 470 23.13 -24.89 18.56
CA ALA A 470 24.41 -24.84 17.84
C ALA A 470 24.20 -24.41 16.38
N LEU A 471 25.14 -23.65 15.83
CA LEU A 471 25.14 -23.14 14.44
C LEU A 471 26.25 -23.73 13.60
N VAL A 472 25.92 -24.25 12.42
CA VAL A 472 26.88 -24.87 11.49
C VAL A 472 26.61 -24.30 10.10
N SER A 473 27.58 -24.42 9.19
CA SER A 473 27.35 -24.09 7.80
C SER A 473 27.47 -25.31 7.00
N TYR A 474 26.56 -25.41 6.06
CA TYR A 474 26.40 -26.60 5.27
C TYR A 474 25.64 -26.28 4.00
N GLN A 475 26.25 -26.63 2.87
CA GLN A 475 25.65 -26.52 1.53
C GLN A 475 25.00 -25.16 1.24
N GLY A 476 25.65 -24.08 1.61
CA GLY A 476 25.21 -22.73 1.23
C GLY A 476 24.51 -21.95 2.32
N TYR A 477 24.20 -22.63 3.44
CA TYR A 477 23.41 -22.02 4.49
C TYR A 477 24.01 -22.23 5.87
N VAL A 478 23.52 -21.44 6.80
CA VAL A 478 23.78 -21.60 8.22
C VAL A 478 22.51 -22.13 8.87
N TRP A 479 22.69 -23.17 9.67
CA TRP A 479 21.64 -24.02 10.20
C TRP A 479 21.79 -24.00 11.70
N GLN A 480 20.68 -24.13 12.43
CA GLN A 480 20.71 -24.15 13.89
C GLN A 480 19.93 -25.34 14.40
N THR A 481 20.48 -26.09 15.37
CA THR A 481 19.75 -27.23 15.91
C THR A 481 18.60 -26.72 16.76
N LYS A 482 17.46 -27.41 16.67
CA LYS A 482 16.25 -27.05 17.43
C LYS A 482 16.28 -27.70 18.84
N TRP A 483 16.92 -28.84 18.95
CA TRP A 483 17.16 -29.49 20.23
C TRP A 483 18.53 -30.22 20.14
N GLY A 484 18.96 -30.88 21.22
CA GLY A 484 20.22 -31.66 21.17
C GLY A 484 20.00 -33.07 21.64
N TYR A 485 20.91 -34.03 21.34
CA TYR A 485 22.11 -33.86 20.56
C TYR A 485 21.86 -34.37 19.20
N ILE A 486 22.26 -33.59 18.21
CA ILE A 486 22.00 -33.90 16.84
C ILE A 486 23.32 -34.29 16.17
N THR A 487 23.30 -35.35 15.37
CA THR A 487 24.42 -35.66 14.48
C THR A 487 24.03 -35.71 13.00
N SER A 488 22.73 -35.59 12.65
CA SER A 488 22.28 -35.67 11.23
C SER A 488 22.85 -34.55 10.40
N ALA A 489 22.94 -34.77 9.10
CA ALA A 489 23.36 -33.70 8.17
C ALA A 489 22.24 -32.61 8.14
N PRO A 490 22.58 -31.33 8.26
CA PRO A 490 21.60 -30.27 8.22
C PRO A 490 20.71 -30.36 6.97
N GLY A 491 19.41 -30.29 7.17
CA GLY A 491 18.46 -30.33 6.10
C GLY A 491 17.97 -31.72 5.87
N SER A 492 18.54 -32.73 6.54
CA SER A 492 18.17 -34.10 6.18
C SER A 492 17.03 -34.55 7.02
N ASP A 493 16.73 -33.83 8.08
CA ASP A 493 15.60 -34.22 8.91
C ASP A 493 15.04 -32.96 9.59
N SER A 494 14.21 -33.12 10.60
CA SER A 494 13.50 -31.96 11.16
C SER A 494 14.24 -31.23 12.29
N ALA A 495 15.43 -31.70 12.66
CA ALA A 495 16.12 -31.17 13.85
C ALA A 495 16.83 -29.85 13.55
N TRP A 496 17.07 -29.55 12.28
CA TRP A 496 17.82 -28.36 11.91
C TRP A 496 16.92 -27.29 11.31
N LEU A 497 17.15 -26.07 11.69
CA LEU A 497 16.39 -24.92 11.19
C LEU A 497 17.38 -24.14 10.35
N LYS A 498 17.05 -23.93 9.09
CA LYS A 498 17.84 -23.00 8.29
C LYS A 498 17.65 -21.58 8.74
N VAL A 499 18.72 -20.95 9.21
CA VAL A 499 18.58 -19.65 9.83
C VAL A 499 19.31 -18.56 9.02
N GLY A 500 20.17 -18.95 8.11
CA GLY A 500 21.02 -17.92 7.49
C GLY A 500 21.56 -18.42 6.18
N ARG A 501 22.10 -17.48 5.40
CA ARG A 501 22.70 -17.85 4.12
C ARG A 501 24.18 -17.38 4.08
N LEU A 502 25.01 -18.20 3.47
CA LEU A 502 26.45 -17.86 3.35
C LEU A 502 26.65 -16.81 2.27
N ALA A 503 27.54 -15.85 2.53
CA ALA A 503 28.30 -15.21 1.45
C ALA A 503 27.40 -14.38 0.57
C20 M6B B . -5.78 2.56 -3.76
N5 M6B B . -6.83 2.07 -2.89
C19 M6B B . -7.08 2.53 -1.68
O5 M6B B . -6.47 3.51 -1.22
N4 M6B B . -8.06 1.84 -1.00
C18 M6B B . -8.58 2.26 0.13
N3 M6B B . -9.34 1.44 0.80
N2 M6B B . -8.16 3.43 0.65
C17 M6B B . -8.78 4.04 1.85
C16 M6B B . -8.79 5.59 1.74
C15 M6B B . -9.64 6.27 2.82
N1 M6B B . -11.06 5.96 2.64
C14 M6B B . -11.83 6.66 1.87
O4 M6B B . -11.45 7.66 1.27
O3 M6B B . -13.09 6.04 1.54
C3 M6B B . -13.95 6.92 0.84
C4 M6B B . -14.45 6.19 -0.37
C30 M6B B . -14.97 4.79 -0.05
C2 M6B B . -15.07 7.36 1.82
C29 M6B B . -14.56 8.17 2.98
C1 M6B B . -16.06 8.23 1.14
O1 M6B B . -15.81 9.35 0.68
O2 M6B B . -17.32 7.63 0.82
C13 M6B B . -18.13 8.62 0.21
C27 M6B B . -19.00 9.34 1.30
C28 M6B B . -18.22 10.42 2.09
C12 M6B B . -18.78 7.75 -0.86
O10 M6B B . -20.07 8.23 -1.15
C34 M6B B . -18.85 6.33 -0.37
C11 M6B B . -17.93 7.91 -2.14
C10 M6B B . -18.08 6.92 -3.26
C33 M6B B . -19.49 6.84 -3.82
O9 M6B B . -18.19 9.21 -2.64
C24 M6B B . -17.19 9.64 -3.55
C25 M6B B . -16.37 10.70 -2.87
C26 M6B B . -17.92 10.25 -4.77
O8 M6B B . -16.35 8.50 -3.91
C9 M6B B . -17.07 7.35 -4.34
C8 M6B B . -15.95 6.36 -4.62
C32 M6B B . -16.51 5.23 -5.43
C7 M6B B . -15.25 5.95 -3.28
C6 M6B B . -14.01 6.75 -2.85
O7 M6B B . -14.28 8.10 -2.57
C31 M6B B . -12.93 6.72 -3.94
C5 M6B B . -13.43 6.18 -1.54
O6 M6B B . -12.97 4.85 -1.76
C21 M6B B . -11.83 4.60 -0.92
C22 M6B B . -10.69 4.26 -1.79
C23 M6B B . -9.69 3.99 -2.49
C20 M6B C . -6.32 -2.39 9.41
N5 M6B C . -6.45 -2.74 10.81
C19 M6B C . -6.90 -3.98 11.10
O5 M6B C . -7.05 -4.82 10.15
N4 M6B C . -7.31 -4.12 12.37
C18 M6B C . -8.05 -5.18 12.84
N3 M6B C . -8.41 -6.17 12.11
N2 M6B C . -8.43 -5.22 14.12
C17 M6B C . -9.13 -6.39 14.65
C16 M6B C . -10.11 -6.13 15.80
C15 M6B C . -10.79 -4.76 15.86
N1 M6B C . -11.99 -4.50 15.05
C14 M6B C . -12.56 -5.26 14.08
O4 M6B C . -12.43 -6.46 13.89
O3 M6B C . -13.40 -4.54 13.13
C3 M6B C . -13.45 -5.04 11.77
C4 M6B C . -14.83 -4.69 11.16
C30 M6B C . -15.17 -3.21 11.36
C2 M6B C . -12.23 -4.46 11.01
C29 M6B C . -11.00 -5.33 11.13
C1 M6B C . -12.44 -4.24 9.54
O1 M6B C . -12.25 -5.18 8.78
O2 M6B C . -12.88 -2.94 9.04
C13 M6B C . -13.13 -2.80 7.64
C27 M6B C . -12.16 -1.76 7.04
C28 M6B C . -10.73 -2.05 7.43
C12 M6B C . -14.60 -2.41 7.35
O10 M6B C . -14.61 -1.62 6.17
C34 M6B C . -15.17 -1.47 8.41
C11 M6B C . -15.45 -3.71 7.15
C10 M6B C . -16.98 -3.56 7.07
C33 M6B C . -17.45 -2.77 5.85
O9 M6B C . -15.06 -4.48 5.98
C24 M6B C . -15.66 -5.77 5.82
C25 M6B C . -14.50 -6.78 5.86
C26 M6B C . -16.37 -5.86 4.46
O8 M6B C . -16.59 -6.03 6.90
C9 M6B C . -17.58 -4.98 7.11
C8 M6B C . -18.37 -5.25 8.40
C32 M6B C . -19.69 -4.48 8.29
C7 M6B C . -17.65 -4.90 9.75
C6 M6B C . -16.93 -6.06 10.47
O7 M6B C . -16.13 -6.78 9.50
C31 M6B C . -17.95 -7.04 11.03
C5 M6B C . -16.01 -5.58 11.64
O6 M6B C . -16.81 -4.93 12.69
C21 M6B C . -16.24 -5.00 14.02
C22 M6B C . -15.93 -3.66 14.61
C23 M6B C . -15.61 -2.54 15.15
NA NA D . -5.36 27.55 18.25
C1 GOL E . 7.19 -5.60 16.35
O1 GOL E . 5.87 -5.91 15.95
C2 GOL E . 7.67 -6.80 17.12
O2 GOL E . 6.87 -6.83 18.29
C3 GOL E . 7.47 -7.99 16.17
O3 GOL E . 8.70 -8.26 15.50
C1 GOL F . 5.09 -16.86 20.05
O1 GOL F . 4.30 -16.41 21.13
C2 GOL F . 4.65 -15.97 18.94
O2 GOL F . 5.43 -14.73 18.87
C3 GOL F . 4.75 -16.72 17.63
O3 GOL F . 3.61 -16.40 16.84
C1 GOL G . -17.21 6.51 -8.99
O1 GOL G . -17.77 7.77 -9.33
C2 GOL G . -16.00 6.08 -9.81
O2 GOL G . -16.14 4.71 -10.22
C3 GOL G . -15.72 6.97 -11.02
O3 GOL G . -14.32 7.23 -10.95
C1 GOL H . 6.40 -9.16 -15.43
O1 GOL H . 6.06 -10.47 -15.08
C2 GOL H . 7.81 -8.82 -15.02
O2 GOL H . 8.21 -9.41 -13.73
C3 GOL H . 7.86 -7.31 -15.03
O3 GOL H . 9.10 -6.94 -14.45
P PO3 I . -16.09 23.34 10.77
O1 PO3 I . -16.88 21.85 10.76
O2 PO3 I . -15.66 24.03 12.26
O3 PO3 I . -15.58 24.03 9.32
C MOH J . -7.07 -20.30 -16.98
O MOH J . -6.95 -18.88 -17.16
#